data_9HYD
#
_entry.id   9HYD
#
_cell.length_a   96.983
_cell.length_b   96.983
_cell.length_c   44.815
_cell.angle_alpha   90.000
_cell.angle_beta   90.000
_cell.angle_gamma   120.000
#
_symmetry.space_group_name_H-M   'P 61'
#
loop_
_entity.id
_entity.type
_entity.pdbx_description
1 polymer cutinase
2 non-polymer GLYCEROL
3 water water
#
_entity_poly.entity_id   1
_entity_poly.type   'polypeptide(L)'
_entity_poly.pdbx_seq_one_letter_code
;GWELQAQNPHERGPDPSNSYIEQARGSYSVSQRSISRLGSDGFRDGTMYYPTSTADGRFGVVAISPGYTASESTIAWLGP
RLASFGFVVVTINTDSRYDQPRQRATQLHAALDHAIGDSVVGPRIDTSRQAVMGHSMGGGGALQAAEERDEIRAAVPLTP
WNLKKGWSGVDAATLVIGAENDAIAPVRSHSIPFYESLTNAERRAYLELRREGHFAPNSSNTLIAKYSVSWLKRYVDNDL
RYDQFIDPGPRTGITTGVSDYRLG
;
_entity_poly.pdbx_strand_id   A
#
# COMPACT_ATOMS: atom_id res chain seq x y z
N ALA A 6 22.16 -5.46 11.51
CA ALA A 6 22.18 -4.15 10.81
C ALA A 6 22.18 -3.01 11.82
N GLN A 7 22.86 -1.90 11.46
CA GLN A 7 22.69 -0.61 12.10
C GLN A 7 21.19 -0.31 12.24
N ASN A 8 20.42 -0.65 11.20
CA ASN A 8 18.99 -0.36 11.13
C ASN A 8 18.23 -1.46 11.85
N PRO A 9 17.64 -1.17 13.03
CA PRO A 9 16.95 -2.21 13.83
C PRO A 9 15.70 -2.80 13.19
N HIS A 10 15.15 -2.12 12.17
CA HIS A 10 13.88 -2.52 11.56
C HIS A 10 14.04 -3.38 10.32
N GLU A 11 15.28 -3.65 9.87
CA GLU A 11 15.54 -4.58 8.78
C GLU A 11 14.99 -5.95 9.13
N ARG A 12 14.22 -6.51 8.18
CA ARG A 12 13.67 -7.85 8.29
C ARG A 12 13.95 -8.60 7.01
N GLY A 13 14.21 -9.90 7.14
CA GLY A 13 14.27 -10.76 5.98
C GLY A 13 15.58 -10.65 5.22
N PRO A 14 15.75 -11.50 4.19
CA PRO A 14 16.98 -11.59 3.42
C PRO A 14 17.31 -10.32 2.63
N ASP A 15 18.59 -10.16 2.31
CA ASP A 15 19.02 -9.14 1.36
C ASP A 15 18.26 -9.42 0.09
N PRO A 16 17.56 -8.41 -0.48
CA PRO A 16 16.73 -8.64 -1.66
C PRO A 16 17.46 -8.66 -2.99
N SER A 17 16.77 -9.24 -3.97
CA SER A 17 17.11 -9.26 -5.37
C SER A 17 15.83 -8.98 -6.15
N ASN A 18 16.01 -8.71 -7.43
CA ASN A 18 14.87 -8.53 -8.31
C ASN A 18 13.95 -9.76 -8.25
N SER A 19 14.54 -10.97 -8.35
CA SER A 19 13.77 -12.21 -8.27
C SER A 19 13.00 -12.29 -6.95
N TYR A 20 13.64 -11.90 -5.86
CA TYR A 20 13.00 -11.99 -4.54
C TYR A 20 11.72 -11.16 -4.50
N ILE A 21 11.78 -9.90 -4.94
CA ILE A 21 10.66 -9.01 -4.71
C ILE A 21 9.49 -9.32 -5.66
N GLU A 22 9.76 -10.18 -6.65
CA GLU A 22 8.74 -10.67 -7.57
C GLU A 22 8.05 -11.93 -7.05
N GLN A 23 8.54 -12.53 -5.97
CA GLN A 23 7.99 -13.80 -5.51
C GLN A 23 6.56 -13.61 -4.99
N ALA A 24 5.71 -14.62 -5.26
CA ALA A 24 4.34 -14.65 -4.74
C ALA A 24 4.34 -14.60 -3.21
N ARG A 25 5.38 -15.19 -2.62
CA ARG A 25 5.57 -15.11 -1.19
C ARG A 25 7.04 -14.89 -0.89
N GLY A 26 7.30 -13.95 0.02
CA GLY A 26 8.65 -13.74 0.53
C GLY A 26 9.00 -14.75 1.61
N SER A 27 10.03 -14.38 2.39
N SER A 27 10.04 -14.45 2.42
CA SER A 27 10.70 -15.25 3.34
CA SER A 27 10.63 -15.45 3.31
C SER A 27 9.78 -15.74 4.47
C SER A 27 9.91 -15.61 4.66
N TYR A 28 8.81 -14.90 4.90
CA TYR A 28 8.00 -15.14 6.10
C TYR A 28 6.74 -15.95 5.81
N SER A 29 6.59 -17.04 6.58
CA SER A 29 5.31 -17.70 6.68
C SER A 29 4.29 -16.77 7.32
N VAL A 30 3.07 -16.81 6.76
CA VAL A 30 2.01 -15.89 7.14
C VAL A 30 0.89 -16.65 7.85
N SER A 31 0.42 -16.03 8.94
CA SER A 31 -0.77 -16.39 9.66
C SER A 31 -1.84 -15.34 9.36
N GLN A 32 -3.10 -15.68 9.65
CA GLN A 32 -4.14 -14.69 9.47
C GLN A 32 -5.15 -14.79 10.60
N ARG A 33 -5.82 -13.67 10.79
CA ARG A 33 -6.80 -13.53 11.86
C ARG A 33 -7.92 -12.63 11.37
N SER A 34 -9.17 -13.08 11.53
CA SER A 34 -10.28 -12.29 11.04
C SER A 34 -10.54 -11.08 11.95
N ILE A 35 -11.23 -10.10 11.39
CA ILE A 35 -11.66 -8.88 12.07
C ILE A 35 -13.18 -8.87 12.06
N SER A 36 -13.76 -8.64 13.23
CA SER A 36 -15.19 -8.45 13.33
C SER A 36 -15.39 -7.28 14.29
N ARG A 37 -16.06 -6.22 13.81
CA ARG A 37 -16.20 -5.02 14.60
C ARG A 37 -17.58 -4.41 14.37
N LEU A 38 -18.04 -3.57 15.31
CA LEU A 38 -19.30 -2.89 15.20
C LEU A 38 -19.07 -1.53 14.56
N GLY A 39 -20.17 -0.84 14.25
CA GLY A 39 -20.11 0.57 13.90
C GLY A 39 -20.87 0.83 12.60
N SER A 40 -20.72 2.09 12.17
CA SER A 40 -21.39 2.62 10.98
C SER A 40 -20.40 3.20 9.97
N ASP A 41 -19.10 2.96 10.14
CA ASP A 41 -18.09 3.53 9.26
C ASP A 41 -17.93 2.71 7.97
N GLY A 42 -18.64 1.59 7.86
CA GLY A 42 -18.57 0.72 6.70
C GLY A 42 -17.55 -0.43 6.76
N PHE A 43 -16.73 -0.43 7.82
CA PHE A 43 -15.72 -1.46 8.03
C PHE A 43 -16.13 -2.34 9.22
N ARG A 44 -16.90 -3.38 8.92
CA ARG A 44 -17.33 -4.28 9.99
C ARG A 44 -16.53 -5.57 10.00
N ASP A 45 -15.80 -5.85 8.90
CA ASP A 45 -15.02 -7.05 8.83
C ASP A 45 -13.84 -6.82 7.87
N GLY A 46 -12.92 -7.79 7.95
CA GLY A 46 -11.65 -7.75 7.25
C GLY A 46 -10.71 -8.79 7.81
N THR A 47 -9.46 -8.74 7.36
CA THR A 47 -8.49 -9.77 7.65
C THR A 47 -7.15 -9.10 7.97
N MET A 48 -6.50 -9.65 8.99
CA MET A 48 -5.12 -9.32 9.31
C MET A 48 -4.22 -10.48 8.91
N TYR A 49 -3.17 -10.17 8.13
CA TYR A 49 -2.14 -11.12 7.74
C TYR A 49 -0.84 -10.66 8.39
N TYR A 50 -0.07 -11.61 8.89
CA TYR A 50 1.14 -11.23 9.60
C TYR A 50 2.12 -12.39 9.61
N PRO A 51 3.43 -12.10 9.70
CA PRO A 51 4.42 -13.16 9.83
C PRO A 51 4.13 -13.95 11.10
N THR A 52 4.14 -15.28 10.99
CA THR A 52 4.05 -16.11 12.19
C THR A 52 5.24 -15.86 13.09
N SER A 53 6.45 -15.86 12.48
CA SER A 53 7.74 -15.78 13.17
C SER A 53 7.81 -14.50 14.00
N THR A 54 8.25 -14.72 15.23
CA THR A 54 8.47 -13.68 16.20
C THR A 54 9.96 -13.44 16.39
N ALA A 55 10.79 -14.21 15.68
CA ALA A 55 12.21 -14.32 15.99
C ALA A 55 12.94 -13.03 15.66
N ASP A 56 12.34 -12.22 14.78
CA ASP A 56 13.08 -11.15 14.13
C ASP A 56 12.68 -9.77 14.67
N GLY A 57 11.70 -9.69 15.57
CA GLY A 57 11.19 -8.43 16.05
C GLY A 57 9.77 -8.08 15.51
N ARG A 58 9.27 -6.90 15.90
CA ARG A 58 7.99 -6.36 15.49
C ARG A 58 8.09 -5.90 14.05
N PHE A 59 6.91 -5.70 13.43
CA PHE A 59 6.83 -5.28 12.04
C PHE A 59 6.00 -4.01 11.97
N GLY A 60 6.14 -3.29 10.85
CA GLY A 60 5.22 -2.20 10.57
C GLY A 60 3.86 -2.77 10.18
N VAL A 61 2.85 -1.89 10.19
CA VAL A 61 1.50 -2.29 9.84
C VAL A 61 1.02 -1.46 8.65
N VAL A 62 0.44 -2.20 7.68
CA VAL A 62 -0.07 -1.64 6.43
C VAL A 62 -1.57 -1.92 6.35
N ALA A 63 -2.40 -0.87 6.21
CA ALA A 63 -3.83 -1.05 6.00
C ALA A 63 -4.17 -0.78 4.54
N ILE A 64 -5.03 -1.61 3.98
CA ILE A 64 -5.38 -1.55 2.57
C ILE A 64 -6.90 -1.37 2.45
N SER A 65 -7.26 -0.29 1.75
CA SER A 65 -8.63 0.00 1.39
C SER A 65 -8.96 -0.75 0.11
N PRO A 66 -10.17 -1.35 0.04
CA PRO A 66 -10.54 -2.15 -1.10
C PRO A 66 -10.88 -1.29 -2.33
N GLY A 67 -11.14 -1.99 -3.42
CA GLY A 67 -11.23 -1.38 -4.73
C GLY A 67 -12.59 -0.76 -5.03
N TYR A 68 -12.73 -0.46 -6.32
CA TYR A 68 -13.84 0.28 -6.89
C TYR A 68 -15.20 -0.29 -6.45
N THR A 69 -15.30 -1.62 -6.40
CA THR A 69 -16.53 -2.32 -6.08
C THR A 69 -16.63 -2.70 -4.59
N ALA A 70 -15.61 -2.38 -3.78
CA ALA A 70 -15.67 -2.23 -2.33
C ALA A 70 -15.41 -3.53 -1.54
N SER A 71 -15.52 -4.72 -2.13
CA SER A 71 -15.29 -5.95 -1.37
C SER A 71 -13.80 -6.18 -1.10
N GLU A 72 -13.53 -6.82 0.03
CA GLU A 72 -12.20 -7.23 0.36
C GLU A 72 -11.56 -8.08 -0.74
N SER A 73 -12.34 -8.92 -1.43
CA SER A 73 -11.84 -9.82 -2.46
C SER A 73 -11.03 -9.08 -3.52
N THR A 74 -11.32 -7.78 -3.69
CA THR A 74 -10.64 -6.95 -4.70
C THR A 74 -9.18 -6.66 -4.36
N ILE A 75 -8.83 -6.79 -3.06
CA ILE A 75 -7.47 -6.54 -2.58
C ILE A 75 -6.89 -7.73 -1.84
N ALA A 76 -7.59 -8.85 -1.80
CA ALA A 76 -7.20 -9.96 -0.93
C ALA A 76 -5.82 -10.48 -1.29
N TRP A 77 -5.49 -10.55 -2.60
CA TRP A 77 -4.20 -11.11 -3.00
C TRP A 77 -3.04 -10.33 -2.37
N LEU A 78 -3.19 -9.02 -2.12
CA LEU A 78 -2.13 -8.22 -1.51
C LEU A 78 -1.80 -8.65 -0.08
N GLY A 79 -2.78 -9.22 0.64
CA GLY A 79 -2.65 -9.37 2.09
C GLY A 79 -1.51 -10.31 2.44
N PRO A 80 -1.62 -11.59 2.07
CA PRO A 80 -0.59 -12.57 2.45
C PRO A 80 0.69 -12.32 1.65
N ARG A 81 0.57 -11.76 0.43
CA ARG A 81 1.75 -11.56 -0.38
C ARG A 81 2.65 -10.51 0.27
N LEU A 82 2.11 -9.33 0.58
CA LEU A 82 2.92 -8.29 1.23
C LEU A 82 3.31 -8.73 2.64
N ALA A 83 2.44 -9.44 3.35
CA ALA A 83 2.78 -9.77 4.73
C ALA A 83 3.99 -10.69 4.73
N SER A 84 4.07 -11.59 3.74
CA SER A 84 5.14 -12.59 3.64
C SER A 84 6.52 -11.94 3.47
N PHE A 85 6.61 -10.66 3.11
CA PHE A 85 7.89 -9.98 3.03
C PHE A 85 8.28 -9.38 4.37
N GLY A 86 7.34 -9.38 5.36
CA GLY A 86 7.61 -8.82 6.67
C GLY A 86 6.77 -7.60 7.04
N PHE A 87 5.43 -7.76 7.03
CA PHE A 87 4.51 -6.72 7.42
C PHE A 87 3.27 -7.32 8.04
N VAL A 88 2.66 -6.55 8.94
CA VAL A 88 1.27 -6.80 9.29
C VAL A 88 0.45 -6.06 8.25
N VAL A 89 -0.49 -6.78 7.65
CA VAL A 89 -1.27 -6.23 6.55
C VAL A 89 -2.75 -6.47 6.85
N VAL A 90 -3.53 -5.38 6.86
CA VAL A 90 -4.96 -5.43 7.12
C VAL A 90 -5.69 -5.13 5.82
N THR A 91 -6.54 -6.08 5.39
CA THR A 91 -7.42 -5.87 4.26
C THR A 91 -8.82 -5.55 4.78
N ILE A 92 -9.37 -4.43 4.30
CA ILE A 92 -10.68 -3.94 4.70
C ILE A 92 -11.72 -4.48 3.73
N ASN A 93 -12.87 -4.92 4.28
CA ASN A 93 -14.07 -5.20 3.51
C ASN A 93 -15.04 -4.03 3.69
N THR A 94 -15.66 -3.53 2.59
CA THR A 94 -16.68 -2.50 2.78
C THR A 94 -17.73 -2.63 1.69
N ASP A 95 -18.54 -1.58 1.54
CA ASP A 95 -19.62 -1.59 0.54
C ASP A 95 -19.73 -0.20 -0.08
N SER A 96 -20.64 -0.10 -1.06
CA SER A 96 -20.76 1.08 -1.89
C SER A 96 -21.36 2.30 -1.19
N ARG A 97 -21.85 2.18 0.06
CA ARG A 97 -22.26 3.38 0.76
C ARG A 97 -21.03 4.22 1.19
N TYR A 98 -19.83 3.62 1.11
CA TYR A 98 -18.62 4.24 1.63
C TYR A 98 -17.62 4.55 0.50
N ASP A 99 -18.12 5.04 -0.63
CA ASP A 99 -17.30 5.25 -1.83
C ASP A 99 -16.50 6.54 -1.81
N GLN A 100 -16.76 7.44 -0.88
CA GLN A 100 -16.03 8.70 -0.85
C GLN A 100 -14.62 8.41 -0.32
N PRO A 101 -13.57 8.94 -0.98
CA PRO A 101 -12.25 8.85 -0.37
C PRO A 101 -12.20 9.18 1.12
N ARG A 102 -12.93 10.20 1.58
CA ARG A 102 -12.87 10.58 2.98
C ARG A 102 -13.43 9.45 3.85
N GLN A 103 -14.45 8.74 3.36
CA GLN A 103 -15.03 7.61 4.06
C GLN A 103 -14.05 6.45 4.08
N ARG A 104 -13.28 6.27 3.01
CA ARG A 104 -12.28 5.24 2.99
C ARG A 104 -11.13 5.58 3.94
N ALA A 105 -10.76 6.86 4.04
CA ALA A 105 -9.71 7.28 4.96
C ALA A 105 -10.11 6.92 6.39
N THR A 106 -11.36 7.25 6.77
CA THR A 106 -11.86 6.90 8.09
C THR A 106 -11.59 5.42 8.42
N GLN A 107 -11.91 4.54 7.49
CA GLN A 107 -11.76 3.11 7.68
C GLN A 107 -10.29 2.73 7.82
N LEU A 108 -9.41 3.38 7.04
CA LEU A 108 -8.00 3.03 7.12
C LEU A 108 -7.47 3.27 8.54
N HIS A 109 -7.77 4.44 9.10
CA HIS A 109 -7.37 4.75 10.49
C HIS A 109 -7.92 3.66 11.40
N ALA A 110 -9.19 3.26 11.19
CA ALA A 110 -9.80 2.24 12.06
C ALA A 110 -9.13 0.89 11.94
N ALA A 111 -8.71 0.54 10.73
CA ALA A 111 -8.04 -0.72 10.46
C ALA A 111 -6.67 -0.74 11.12
N LEU A 112 -5.90 0.36 10.99
CA LEU A 112 -4.59 0.43 11.64
C LEU A 112 -4.79 0.26 13.15
N ASP A 113 -5.72 1.06 13.71
CA ASP A 113 -6.00 1.01 15.16
C ASP A 113 -6.53 -0.35 15.59
N HIS A 114 -7.30 -1.03 14.72
CA HIS A 114 -7.83 -2.32 15.12
C HIS A 114 -6.68 -3.31 15.29
N ALA A 115 -5.74 -3.33 14.37
CA ALA A 115 -4.63 -4.25 14.43
C ALA A 115 -3.76 -3.90 15.62
N ILE A 116 -3.51 -2.61 15.83
CA ILE A 116 -2.65 -2.18 16.94
C ILE A 116 -3.24 -2.66 18.27
N GLY A 117 -4.56 -2.52 18.43
CA GLY A 117 -5.26 -2.88 19.66
C GLY A 117 -5.63 -4.37 19.79
N ASP A 118 -5.27 -5.22 18.84
CA ASP A 118 -5.69 -6.62 18.86
C ASP A 118 -4.76 -7.44 19.75
N SER A 119 -5.34 -8.36 20.54
CA SER A 119 -4.55 -9.09 21.51
C SER A 119 -3.50 -10.00 20.86
N VAL A 120 -3.75 -10.46 19.63
CA VAL A 120 -2.86 -11.38 18.95
C VAL A 120 -1.85 -10.63 18.09
N VAL A 121 -2.36 -9.62 17.36
CA VAL A 121 -1.55 -8.99 16.34
C VAL A 121 -0.88 -7.72 16.88
N GLY A 122 -1.53 -7.00 17.79
CA GLY A 122 -1.01 -5.80 18.43
C GLY A 122 0.44 -5.91 18.90
N PRO A 123 0.85 -6.98 19.59
CA PRO A 123 2.23 -7.16 20.02
C PRO A 123 3.29 -7.37 18.95
N ARG A 124 2.84 -7.59 17.73
CA ARG A 124 3.73 -7.76 16.58
C ARG A 124 3.94 -6.46 15.82
N ILE A 125 3.28 -5.37 16.24
CA ILE A 125 3.34 -4.10 15.50
C ILE A 125 4.19 -3.07 16.25
N ASP A 126 5.03 -2.39 15.46
CA ASP A 126 5.69 -1.17 15.89
C ASP A 126 4.78 -0.03 15.47
N THR A 127 4.14 0.55 16.48
CA THR A 127 3.08 1.51 16.22
C THR A 127 3.63 2.78 15.60
N SER A 128 4.95 2.98 15.65
CA SER A 128 5.55 4.17 15.06
CA SER A 128 5.55 4.16 15.05
C SER A 128 5.65 4.05 13.53
N ARG A 129 5.39 2.84 13.01
CA ARG A 129 5.68 2.53 11.62
C ARG A 129 4.42 1.99 10.97
N GLN A 130 3.60 2.92 10.47
CA GLN A 130 2.33 2.58 9.83
C GLN A 130 2.37 2.93 8.34
N ALA A 131 1.41 2.40 7.56
CA ALA A 131 1.36 2.63 6.13
C ALA A 131 -0.06 2.38 5.65
N VAL A 132 -0.43 2.98 4.51
CA VAL A 132 -1.71 2.76 3.87
C VAL A 132 -1.54 2.50 2.38
N MET A 133 -2.45 1.68 1.85
CA MET A 133 -2.61 1.44 0.44
C MET A 133 -4.11 1.38 0.18
N GLY A 134 -4.46 1.40 -1.11
CA GLY A 134 -5.84 1.21 -1.48
C GLY A 134 -5.98 1.31 -2.99
N HIS A 135 -7.07 0.72 -3.47
CA HIS A 135 -7.44 0.79 -4.87
C HIS A 135 -8.55 1.82 -5.09
N SER A 136 -8.38 2.64 -6.13
CA SER A 136 -9.49 3.40 -6.65
C SER A 136 -9.85 4.49 -5.64
N MET A 137 -11.12 4.57 -5.25
CA MET A 137 -11.43 5.58 -4.26
C MET A 137 -10.68 5.24 -2.94
N GLY A 138 -10.34 3.95 -2.77
CA GLY A 138 -9.54 3.50 -1.65
C GLY A 138 -8.12 4.03 -1.72
N GLY A 139 -7.62 4.21 -2.95
CA GLY A 139 -6.35 4.88 -3.15
C GLY A 139 -6.45 6.36 -2.85
N GLY A 140 -7.56 7.01 -3.26
CA GLY A 140 -7.77 8.38 -2.82
C GLY A 140 -7.81 8.49 -1.29
N GLY A 141 -8.43 7.50 -0.65
CA GLY A 141 -8.56 7.50 0.81
C GLY A 141 -7.23 7.31 1.50
N ALA A 142 -6.33 6.56 0.84
CA ALA A 142 -4.97 6.38 1.34
C ALA A 142 -4.24 7.72 1.42
N LEU A 143 -4.36 8.53 0.35
CA LEU A 143 -3.73 9.85 0.37
C LEU A 143 -4.29 10.66 1.54
N GLN A 144 -5.62 10.61 1.71
CA GLN A 144 -6.24 11.40 2.76
C GLN A 144 -5.80 10.92 4.15
N ALA A 145 -5.72 9.60 4.33
CA ALA A 145 -5.30 9.06 5.62
C ALA A 145 -3.87 9.45 5.92
N ALA A 146 -2.99 9.38 4.89
CA ALA A 146 -1.62 9.83 5.03
C ALA A 146 -1.51 11.28 5.50
N GLU A 147 -2.36 12.17 4.96
CA GLU A 147 -2.34 13.58 5.35
C GLU A 147 -2.71 13.70 6.83
N GLU A 148 -3.57 12.77 7.30
CA GLU A 148 -4.19 12.90 8.61
C GLU A 148 -3.42 12.20 9.74
N ARG A 149 -2.58 11.19 9.45
CA ARG A 149 -1.94 10.39 10.47
C ARG A 149 -0.43 10.40 10.26
N ASP A 150 0.26 11.14 11.15
CA ASP A 150 1.69 11.36 11.07
C ASP A 150 2.49 10.06 11.16
N GLU A 151 1.93 9.04 11.80
CA GLU A 151 2.60 7.77 11.96
C GLU A 151 2.63 6.96 10.66
N ILE A 152 1.88 7.37 9.63
CA ILE A 152 1.96 6.75 8.33
C ILE A 152 3.28 7.19 7.67
N ARG A 153 4.15 6.22 7.41
CA ARG A 153 5.46 6.47 6.89
C ARG A 153 5.52 6.21 5.39
N ALA A 154 4.49 5.55 4.85
CA ALA A 154 4.44 5.19 3.44
C ALA A 154 2.99 5.09 3.00
N ALA A 155 2.72 5.55 1.76
CA ALA A 155 1.44 5.36 1.12
C ALA A 155 1.66 4.83 -0.28
N VAL A 156 0.84 3.87 -0.69
CA VAL A 156 0.88 3.31 -2.04
C VAL A 156 -0.56 3.26 -2.56
N PRO A 157 -1.07 4.40 -3.08
CA PRO A 157 -2.36 4.45 -3.75
C PRO A 157 -2.25 3.74 -5.08
N LEU A 158 -3.21 2.84 -5.34
CA LEU A 158 -3.31 2.08 -6.59
C LEU A 158 -4.45 2.62 -7.45
N THR A 159 -4.13 2.95 -8.71
CA THR A 159 -5.04 3.65 -9.62
C THR A 159 -6.01 4.53 -8.84
N PRO A 160 -5.51 5.51 -8.08
CA PRO A 160 -6.35 6.27 -7.16
C PRO A 160 -7.33 7.17 -7.88
N TRP A 161 -8.51 7.27 -7.28
CA TRP A 161 -9.55 8.23 -7.65
C TRP A 161 -9.77 9.20 -6.50
N ASN A 162 -9.77 10.52 -6.78
CA ASN A 162 -10.04 11.53 -5.76
C ASN A 162 -10.29 12.87 -6.47
N LEU A 163 -11.39 13.55 -6.14
CA LEU A 163 -11.61 14.90 -6.69
C LEU A 163 -10.67 15.94 -6.08
N LYS A 164 -10.12 15.63 -4.90
CA LYS A 164 -9.10 16.44 -4.28
C LYS A 164 -7.75 16.15 -4.91
N LYS A 165 -7.11 17.23 -5.41
CA LYS A 165 -5.93 17.07 -6.25
C LYS A 165 -4.64 17.48 -5.56
N GLY A 166 -4.73 18.30 -4.50
CA GLY A 166 -3.62 18.94 -3.82
C GLY A 166 -3.21 18.15 -2.58
N TRP A 167 -2.01 17.57 -2.64
CA TRP A 167 -1.52 16.67 -1.60
C TRP A 167 -0.26 17.18 -0.91
N SER A 168 -0.10 18.50 -0.80
CA SER A 168 0.99 19.12 -0.09
C SER A 168 0.96 18.75 1.40
N GLY A 169 -0.20 18.34 1.89
CA GLY A 169 -0.33 17.99 3.30
C GLY A 169 0.26 16.62 3.64
N VAL A 170 0.72 15.83 2.65
CA VAL A 170 1.26 14.51 2.91
C VAL A 170 2.77 14.60 3.09
N ASP A 171 3.25 14.09 4.22
CA ASP A 171 4.68 13.99 4.51
C ASP A 171 5.20 12.60 4.19
N ALA A 172 4.32 11.59 4.23
CA ALA A 172 4.70 10.20 4.01
C ALA A 172 5.22 10.05 2.61
N ALA A 173 6.27 9.25 2.48
CA ALA A 173 6.73 8.81 1.20
C ALA A 173 5.61 8.11 0.44
N THR A 174 5.29 8.58 -0.78
CA THR A 174 4.14 8.10 -1.51
C THR A 174 4.48 7.65 -2.94
N LEU A 175 4.11 6.40 -3.26
CA LEU A 175 4.28 5.79 -4.57
C LEU A 175 2.89 5.65 -5.15
N VAL A 176 2.65 6.44 -6.20
CA VAL A 176 1.38 6.40 -6.90
C VAL A 176 1.52 5.45 -8.07
N ILE A 177 0.63 4.46 -8.14
CA ILE A 177 0.64 3.51 -9.23
C ILE A 177 -0.59 3.75 -10.08
N GLY A 178 -0.36 4.28 -11.29
CA GLY A 178 -1.41 4.44 -12.29
C GLY A 178 -1.46 3.34 -13.34
N ALA A 179 -2.54 3.36 -14.11
CA ALA A 179 -2.77 2.41 -15.18
C ALA A 179 -2.94 3.23 -16.47
N GLU A 180 -2.11 2.95 -17.48
CA GLU A 180 -2.01 3.85 -18.62
C GLU A 180 -3.39 4.14 -19.23
N ASN A 181 -4.23 3.12 -19.36
CA ASN A 181 -5.49 3.21 -20.08
C ASN A 181 -6.68 3.33 -19.14
N ASP A 182 -6.45 3.87 -17.96
CA ASP A 182 -7.52 3.92 -16.96
C ASP A 182 -8.63 4.85 -17.42
N ALA A 183 -9.86 4.31 -17.51
CA ALA A 183 -11.02 5.03 -17.98
C ALA A 183 -11.91 5.47 -16.81
N ILE A 184 -11.63 5.01 -15.57
CA ILE A 184 -12.37 5.47 -14.41
C ILE A 184 -11.66 6.60 -13.69
N ALA A 185 -10.36 6.43 -13.47
CA ALA A 185 -9.57 7.46 -12.83
C ALA A 185 -8.42 7.75 -13.77
N PRO A 186 -8.66 8.40 -14.91
CA PRO A 186 -7.56 8.66 -15.85
C PRO A 186 -6.35 9.28 -15.15
N VAL A 187 -5.17 8.78 -15.53
CA VAL A 187 -3.94 9.25 -14.92
C VAL A 187 -3.75 10.75 -15.11
N ARG A 188 -4.24 11.29 -16.22
CA ARG A 188 -4.02 12.71 -16.52
C ARG A 188 -4.79 13.61 -15.52
N SER A 189 -5.90 13.09 -14.94
CA SER A 189 -6.69 13.91 -14.04
CA SER A 189 -6.77 13.86 -14.07
C SER A 189 -6.65 13.45 -12.59
N HIS A 190 -6.13 12.25 -12.32
CA HIS A 190 -6.03 11.71 -10.97
C HIS A 190 -4.56 11.44 -10.61
N SER A 191 -4.02 10.24 -10.96
CA SER A 191 -2.71 9.80 -10.49
C SER A 191 -1.60 10.87 -10.65
N ILE A 192 -1.50 11.47 -11.86
CA ILE A 192 -0.33 12.30 -12.11
C ILE A 192 -0.45 13.63 -11.37
N PRO A 193 -1.61 14.33 -11.41
CA PRO A 193 -1.80 15.48 -10.52
C PRO A 193 -1.48 15.19 -9.05
N PHE A 194 -1.81 13.98 -8.57
CA PHE A 194 -1.48 13.62 -7.20
C PHE A 194 0.04 13.57 -7.00
N TYR A 195 0.74 12.83 -7.90
CA TYR A 195 2.20 12.83 -7.90
C TYR A 195 2.75 14.25 -7.93
N GLU A 196 2.19 15.10 -8.82
CA GLU A 196 2.72 16.45 -8.97
C GLU A 196 2.51 17.34 -7.74
N SER A 197 1.46 17.06 -6.94
CA SER A 197 1.17 17.86 -5.77
C SER A 197 1.71 17.26 -4.47
N LEU A 198 2.39 16.11 -4.54
CA LEU A 198 2.99 15.49 -3.35
C LEU A 198 4.33 16.15 -3.05
N THR A 199 4.31 17.47 -2.91
CA THR A 199 5.51 18.28 -2.93
C THR A 199 6.22 18.23 -1.57
N ASN A 200 5.58 17.61 -0.58
CA ASN A 200 6.19 17.52 0.75
C ASN A 200 6.43 16.07 1.18
N ALA A 201 6.10 15.11 0.30
CA ALA A 201 6.34 13.70 0.56
C ALA A 201 7.84 13.44 0.68
N GLU A 202 8.24 12.64 1.67
CA GLU A 202 9.65 12.32 1.89
C GLU A 202 10.31 11.93 0.57
N ARG A 203 9.60 11.11 -0.16
CA ARG A 203 9.93 10.79 -1.53
C ARG A 203 8.60 10.54 -2.25
N ARG A 204 8.50 10.91 -3.53
CA ARG A 204 7.33 10.61 -4.32
C ARG A 204 7.78 9.86 -5.57
N ALA A 205 6.93 8.96 -6.02
CA ALA A 205 7.17 8.19 -7.21
C ALA A 205 5.85 7.95 -7.89
N TYR A 206 5.94 7.91 -9.21
CA TYR A 206 4.84 7.56 -10.07
C TYR A 206 5.27 6.39 -10.94
N LEU A 207 4.45 5.34 -10.89
N LEU A 207 4.56 5.27 -10.77
CA LEU A 207 4.68 4.16 -11.68
CA LEU A 207 4.69 4.11 -11.62
C LEU A 207 3.41 3.77 -12.42
C LEU A 207 3.39 3.99 -12.40
N GLU A 208 3.49 3.91 -13.75
CA GLU A 208 2.37 3.66 -14.62
C GLU A 208 2.48 2.29 -15.28
N LEU A 209 1.40 1.51 -15.18
CA LEU A 209 1.29 0.18 -15.76
C LEU A 209 0.89 0.28 -17.23
N ARG A 210 1.78 -0.22 -18.10
CA ARG A 210 1.59 -0.11 -19.54
C ARG A 210 0.36 -0.91 -19.94
N ARG A 211 -0.51 -0.27 -20.74
CA ARG A 211 -1.58 -1.01 -21.39
C ARG A 211 -2.43 -1.74 -20.34
N GLU A 212 -2.69 -1.07 -19.21
CA GLU A 212 -3.62 -1.61 -18.24
C GLU A 212 -4.67 -0.56 -17.98
N GLY A 213 -5.81 -1.06 -17.49
CA GLY A 213 -6.87 -0.16 -17.03
C GLY A 213 -7.14 -0.26 -15.53
N HIS A 214 -8.28 0.32 -15.14
CA HIS A 214 -8.56 0.61 -13.73
C HIS A 214 -8.49 -0.63 -12.84
N PHE A 215 -8.87 -1.79 -13.38
CA PHE A 215 -9.06 -2.99 -12.56
C PHE A 215 -7.81 -3.85 -12.44
N ALA A 216 -6.70 -3.46 -13.09
CA ALA A 216 -5.47 -4.25 -13.03
C ALA A 216 -5.07 -4.58 -11.59
N PRO A 217 -5.19 -3.66 -10.62
CA PRO A 217 -4.78 -3.91 -9.23
C PRO A 217 -5.58 -4.96 -8.47
N ASN A 218 -6.70 -5.40 -9.03
CA ASN A 218 -7.57 -6.38 -8.38
C ASN A 218 -7.12 -7.82 -8.65
N SER A 219 -6.18 -8.03 -9.58
N SER A 219 -6.08 -7.98 -9.47
CA SER A 219 -5.59 -9.34 -9.83
CA SER A 219 -5.53 -9.26 -9.92
C SER A 219 -4.11 -9.29 -9.44
C SER A 219 -4.07 -9.29 -9.51
N SER A 220 -3.54 -10.45 -9.07
CA SER A 220 -2.11 -10.59 -8.82
C SER A 220 -1.30 -9.94 -9.94
N ASN A 221 -0.40 -9.05 -9.53
CA ASN A 221 0.31 -8.17 -10.44
C ASN A 221 1.74 -8.03 -9.95
N THR A 222 2.68 -8.58 -10.72
CA THR A 222 4.07 -8.63 -10.29
C THR A 222 4.64 -7.23 -10.13
N LEU A 223 4.32 -6.29 -11.05
CA LEU A 223 4.78 -4.92 -10.96
C LEU A 223 4.29 -4.25 -9.70
N ILE A 224 2.97 -4.33 -9.45
CA ILE A 224 2.42 -3.70 -8.26
C ILE A 224 3.08 -4.31 -7.02
N ALA A 225 3.21 -5.62 -7.01
CA ALA A 225 3.74 -6.30 -5.83
C ALA A 225 5.20 -5.90 -5.57
N LYS A 226 6.03 -5.94 -6.60
CA LYS A 226 7.46 -5.79 -6.34
C LYS A 226 7.77 -4.35 -5.90
N TYR A 227 7.08 -3.36 -6.49
CA TYR A 227 7.33 -1.97 -6.15
C TYR A 227 6.62 -1.57 -4.86
N SER A 228 5.49 -2.19 -4.54
CA SER A 228 4.85 -2.05 -3.26
C SER A 228 5.77 -2.59 -2.17
N VAL A 229 6.29 -3.81 -2.36
CA VAL A 229 7.22 -4.38 -1.40
C VAL A 229 8.43 -3.45 -1.20
N SER A 230 9.01 -2.99 -2.30
CA SER A 230 10.22 -2.19 -2.18
C SER A 230 9.93 -0.87 -1.45
N TRP A 231 8.81 -0.22 -1.81
CA TRP A 231 8.49 1.06 -1.22
C TRP A 231 8.20 0.94 0.29
N LEU A 232 7.39 -0.09 0.61
CA LEU A 232 7.04 -0.31 2.02
C LEU A 232 8.31 -0.63 2.82
N LYS A 233 9.12 -1.57 2.32
CA LYS A 233 10.39 -1.88 2.95
C LYS A 233 11.19 -0.61 3.19
N ARG A 234 11.36 0.19 2.14
CA ARG A 234 12.21 1.35 2.28
C ARG A 234 11.66 2.35 3.29
N TYR A 235 10.35 2.69 3.25
CA TYR A 235 9.87 3.79 4.06
C TYR A 235 9.22 3.37 5.41
N VAL A 236 8.64 2.18 5.46
CA VAL A 236 8.13 1.64 6.73
C VAL A 236 9.31 1.10 7.55
N ASP A 237 10.28 0.43 6.91
CA ASP A 237 11.37 -0.18 7.67
C ASP A 237 12.66 0.66 7.60
N ASN A 238 12.65 1.80 6.89
CA ASN A 238 13.89 2.53 6.61
C ASN A 238 14.97 1.64 5.97
N ASP A 239 14.55 0.64 5.19
CA ASP A 239 15.41 -0.42 4.73
C ASP A 239 16.10 0.03 3.42
N LEU A 240 17.33 0.53 3.57
CA LEU A 240 18.09 1.04 2.43
C LEU A 240 18.42 -0.03 1.41
N ARG A 241 18.30 -1.31 1.78
CA ARG A 241 18.55 -2.40 0.84
C ARG A 241 17.58 -2.39 -0.35
N TYR A 242 16.45 -1.67 -0.20
CA TYR A 242 15.44 -1.65 -1.26
C TYR A 242 15.53 -0.40 -2.15
N ASP A 243 16.44 0.50 -1.84
CA ASP A 243 16.63 1.68 -2.69
C ASP A 243 17.04 1.27 -4.10
N GLN A 244 17.78 0.16 -4.22
CA GLN A 244 18.32 -0.29 -5.50
C GLN A 244 17.21 -0.55 -6.51
N PHE A 245 16.00 -0.82 -6.03
CA PHE A 245 14.92 -1.10 -6.97
C PHE A 245 14.11 0.15 -7.29
N ILE A 246 14.20 1.18 -6.44
CA ILE A 246 13.40 2.39 -6.57
C ILE A 246 14.12 3.42 -7.41
N ASP A 247 15.45 3.44 -7.32
CA ASP A 247 16.21 4.37 -8.11
C ASP A 247 17.39 3.65 -8.73
N PRO A 248 17.52 3.57 -10.07
CA PRO A 248 16.72 4.35 -11.01
C PRO A 248 15.28 3.91 -11.28
N GLY A 249 14.90 2.74 -10.81
CA GLY A 249 13.59 2.19 -11.10
C GLY A 249 13.52 1.52 -12.48
N PRO A 250 12.33 1.02 -12.85
CA PRO A 250 12.14 0.33 -14.12
C PRO A 250 12.31 1.33 -15.27
N ARG A 251 12.85 0.86 -16.39
CA ARG A 251 12.74 1.59 -17.63
C ARG A 251 11.37 1.28 -18.23
N THR A 252 10.99 2.11 -19.22
CA THR A 252 9.65 2.09 -19.77
C THR A 252 9.69 1.24 -21.02
N GLY A 253 8.56 0.59 -21.32
CA GLY A 253 8.39 -0.11 -22.59
C GLY A 253 7.82 -1.52 -22.42
N ILE A 254 7.61 -2.13 -23.58
CA ILE A 254 6.96 -3.42 -23.73
C ILE A 254 7.64 -4.45 -22.84
N THR A 255 8.97 -4.39 -22.66
CA THR A 255 9.67 -5.44 -21.95
C THR A 255 9.54 -5.32 -20.43
N THR A 256 9.25 -4.13 -19.88
CA THR A 256 9.10 -3.98 -18.43
C THR A 256 7.64 -3.92 -18.01
N GLY A 257 6.73 -3.60 -18.95
CA GLY A 257 5.32 -3.44 -18.67
C GLY A 257 5.03 -2.11 -17.97
N VAL A 258 6.02 -1.21 -17.99
CA VAL A 258 5.95 0.10 -17.39
C VAL A 258 5.96 1.19 -18.47
N SER A 259 4.94 2.05 -18.44
CA SER A 259 4.82 3.08 -19.48
C SER A 259 5.31 4.43 -18.99
N ASP A 260 5.51 4.57 -17.67
CA ASP A 260 6.02 5.79 -17.11
C ASP A 260 6.56 5.47 -15.72
N TYR A 261 7.70 6.06 -15.39
CA TYR A 261 8.24 5.98 -14.05
C TYR A 261 8.91 7.31 -13.77
N ARG A 262 8.51 7.91 -12.65
CA ARG A 262 9.07 9.15 -12.14
C ARG A 262 9.37 9.05 -10.65
N LEU A 263 10.44 9.73 -10.26
CA LEU A 263 10.85 9.92 -8.88
C LEU A 263 11.07 11.41 -8.61
N GLY A 264 10.61 11.88 -7.44
CA GLY A 264 10.84 13.25 -6.99
C GLY A 264 10.66 13.51 -5.48
#